data_6LFV
#
_entry.id   6LFV
#
_cell.length_a   92.420
_cell.length_b   92.420
_cell.length_c   53.830
_cell.angle_alpha   90.000
_cell.angle_beta   90.000
_cell.angle_gamma   90.000
#
_symmetry.space_group_name_H-M   'I 4'
#
loop_
_entity.id
_entity.type
_entity.pdbx_description
1 polymer PCB4scFv(hN56D)
2 water water
#
_entity_poly.entity_id   1
_entity_poly.type   'polypeptide(L)'
_entity_poly.pdbx_seq_one_letter_code
;MDIQMTQTASSLSASLGDRVTISCRASQYINNYLNWYQQKPDGTVTLLIYYTSILHSGVPSRFIGSGSGTDYSLTISNLD
QEDIATYFCQQGYTLPLTFGAGTKLELKRPGGGGSGGGGSGGGGSVDEVKLVESGGGLVKPGGSLKLSCAASGFTFSTYG
MSWVRQTPEKRLEWVASISGGGDTYYTDIVKGRVTISRDNDRNILYLQMSSLRSEDTAMYHCTRGALVRLPHYYSMDYWG
QGTSVTVSSLVPR
;
_entity_poly.pdbx_strand_id   A
#
# COMPACT_ATOMS: atom_id res chain seq x y z
N MET A 1 -14.27 -15.27 -3.19
CA MET A 1 -12.98 -15.17 -3.86
C MET A 1 -12.42 -13.76 -3.73
N ASP A 2 -11.11 -13.63 -3.99
CA ASP A 2 -10.44 -12.35 -3.85
C ASP A 2 -10.97 -11.34 -4.86
N ILE A 3 -11.01 -10.08 -4.44
CA ILE A 3 -11.44 -8.98 -5.29
C ILE A 3 -10.25 -8.52 -6.12
N GLN A 4 -10.38 -8.60 -7.44
CA GLN A 4 -9.32 -8.18 -8.34
C GLN A 4 -9.55 -6.73 -8.77
N MET A 5 -8.51 -5.91 -8.60
CA MET A 5 -8.57 -4.50 -8.97
C MET A 5 -7.83 -4.31 -10.29
N THR A 6 -8.52 -3.74 -11.28
CA THR A 6 -7.99 -3.62 -12.64
C THR A 6 -7.80 -2.15 -12.98
N GLN A 7 -6.56 -1.75 -13.25
CA GLN A 7 -6.24 -0.46 -13.86
C GLN A 7 -5.82 -0.77 -15.29
N THR A 8 -6.73 -0.52 -16.23
CA THR A 8 -6.55 -0.99 -17.59
C THR A 8 -5.29 -0.41 -18.23
N ALA A 9 -5.02 0.87 -17.98
CA ALA A 9 -3.83 1.51 -18.52
C ALA A 9 -2.70 1.45 -17.51
N SER A 10 -1.49 1.17 -18.00
CA SER A 10 -0.31 1.18 -17.15
C SER A 10 0.41 2.52 -17.14
N SER A 11 0.20 3.35 -18.16
CA SER A 11 0.75 4.69 -18.19
C SER A 11 -0.10 5.55 -19.11
N LEU A 12 -0.25 6.83 -18.72
CA LEU A 12 -0.95 7.81 -19.52
C LEU A 12 -0.02 8.98 -19.79
N SER A 13 -0.02 9.47 -21.02
CA SER A 13 0.82 10.58 -21.44
C SER A 13 0.00 11.86 -21.52
N ALA A 14 0.57 12.95 -21.03
CA ALA A 14 -0.15 14.22 -20.97
C ALA A 14 0.85 15.36 -20.95
N SER A 15 0.32 16.57 -21.06
CA SER A 15 1.12 17.79 -21.00
C SER A 15 0.78 18.56 -19.72
N LEU A 16 1.71 19.42 -19.30
CA LEU A 16 1.49 20.21 -18.10
C LEU A 16 0.21 21.02 -18.21
N GLY A 17 -0.56 21.07 -17.13
CA GLY A 17 -1.83 21.73 -17.11
C GLY A 17 -3.00 20.91 -17.62
N ASP A 18 -2.76 19.75 -18.22
CA ASP A 18 -3.83 18.92 -18.74
C ASP A 18 -4.68 18.36 -17.60
N ARG A 19 -5.84 17.84 -17.98
CA ARG A 19 -6.69 17.06 -17.09
C ARG A 19 -6.65 15.61 -17.54
N VAL A 20 -6.39 14.70 -16.60
CA VAL A 20 -6.29 13.28 -16.89
C VAL A 20 -7.10 12.50 -15.87
N THR A 21 -7.73 11.42 -16.31
CA THR A 21 -8.51 10.55 -15.44
C THR A 21 -7.94 9.14 -15.51
N ILE A 22 -7.61 8.58 -14.35
CA ILE A 22 -7.12 7.21 -14.23
C ILE A 22 -8.29 6.34 -13.78
N SER A 23 -8.51 5.23 -14.49
CA SER A 23 -9.63 4.36 -14.21
C SER A 23 -9.19 3.18 -13.35
N CYS A 24 -10.11 2.71 -12.51
CA CYS A 24 -9.86 1.55 -11.66
C CYS A 24 -11.17 0.79 -11.52
N ARG A 25 -11.12 -0.51 -11.80
CA ARG A 25 -12.30 -1.36 -11.80
C ARG A 25 -12.11 -2.49 -10.79
N ALA A 26 -13.16 -2.74 -9.99
CA ALA A 26 -13.17 -3.84 -9.05
C ALA A 26 -13.96 -5.00 -9.61
N SER A 27 -13.49 -6.22 -9.37
CA SER A 27 -14.17 -7.40 -9.88
C SER A 27 -15.52 -7.63 -9.22
N GLN A 28 -15.81 -6.95 -8.11
CA GLN A 28 -17.12 -7.04 -7.48
C GLN A 28 -17.34 -5.81 -6.63
N TYR A 29 -18.55 -5.72 -6.07
CA TYR A 29 -18.97 -4.57 -5.28
C TYR A 29 -18.06 -4.37 -4.07
N ILE A 30 -17.67 -3.12 -3.81
CA ILE A 30 -16.74 -2.83 -2.71
C ILE A 30 -17.27 -1.68 -1.85
N ASN A 31 -18.50 -1.24 -2.09
CA ASN A 31 -19.19 -0.28 -1.23
C ASN A 31 -18.39 1.01 -1.07
N ASN A 32 -17.82 1.50 -2.18
CA ASN A 32 -17.05 2.74 -2.23
C ASN A 32 -15.83 2.73 -1.32
N TYR A 33 -15.43 1.56 -0.79
CA TYR A 33 -14.26 1.45 0.06
C TYR A 33 -13.01 1.36 -0.80
N LEU A 34 -12.70 2.47 -1.46
CA LEU A 34 -11.62 2.56 -2.44
C LEU A 34 -10.61 3.60 -2.00
N ASN A 35 -9.33 3.23 -2.01
CA ASN A 35 -8.24 4.13 -1.65
C ASN A 35 -7.31 4.32 -2.84
N TRP A 36 -6.72 5.50 -2.92
CA TRP A 36 -5.74 5.82 -3.96
C TRP A 36 -4.42 6.17 -3.31
N TYR A 37 -3.33 5.65 -3.87
CA TYR A 37 -1.98 5.92 -3.39
C TYR A 37 -1.13 6.48 -4.51
N GLN A 38 -0.15 7.30 -4.14
CA GLN A 38 0.76 7.94 -5.08
C GLN A 38 2.18 7.50 -4.76
N GLN A 39 2.89 7.02 -5.77
CA GLN A 39 4.30 6.63 -5.63
C GLN A 39 5.14 7.52 -6.54
N LYS A 40 5.97 8.36 -5.94
CA LYS A 40 6.87 9.22 -6.67
C LYS A 40 7.92 8.38 -7.41
N PRO A 41 8.62 8.97 -8.38
CA PRO A 41 9.67 8.20 -9.08
C PRO A 41 10.73 7.61 -8.17
N ASP A 42 11.07 8.28 -7.05
CA ASP A 42 12.06 7.73 -6.15
C ASP A 42 11.53 6.61 -5.27
N GLY A 43 10.25 6.26 -5.38
CA GLY A 43 9.67 5.15 -4.67
C GLY A 43 8.81 5.51 -3.48
N THR A 44 8.82 6.78 -3.06
CA THR A 44 8.05 7.19 -1.89
C THR A 44 6.56 7.03 -2.15
N VAL A 45 5.88 6.31 -1.26
CA VAL A 45 4.44 6.09 -1.37
C VAL A 45 3.74 6.94 -0.31
N THR A 46 2.67 7.62 -0.72
CA THR A 46 1.81 8.35 0.19
C THR A 46 0.36 8.03 -0.12
N LEU A 47 -0.49 8.18 0.89
CA LEU A 47 -1.93 8.07 0.69
C LEU A 47 -2.44 9.35 0.03
N LEU A 48 -3.21 9.19 -1.05
CA LEU A 48 -3.73 10.32 -1.80
C LEU A 48 -5.20 10.59 -1.50
N ILE A 49 -6.04 9.56 -1.62
CA ILE A 49 -7.48 9.68 -1.43
C ILE A 49 -7.98 8.40 -0.78
N TYR A 50 -8.93 8.54 0.14
CA TYR A 50 -9.59 7.40 0.76
C TYR A 50 -11.10 7.58 0.72
N TYR A 51 -11.82 6.48 0.89
CA TYR A 51 -13.29 6.45 0.79
C TYR A 51 -13.74 7.09 -0.52
N THR A 52 -13.12 6.65 -1.61
CA THR A 52 -13.43 7.06 -2.98
C THR A 52 -13.07 8.51 -3.26
N SER A 53 -13.38 9.44 -2.36
CA SER A 53 -13.27 10.85 -2.71
C SER A 53 -12.68 11.76 -1.63
N ILE A 54 -12.41 11.27 -0.42
CA ILE A 54 -11.92 12.14 0.64
C ILE A 54 -10.41 12.30 0.52
N LEU A 55 -9.95 13.55 0.46
CA LEU A 55 -8.54 13.83 0.27
C LEU A 55 -7.75 13.60 1.54
N HIS A 56 -6.59 12.98 1.40
CA HIS A 56 -5.64 12.92 2.50
C HIS A 56 -5.07 14.30 2.78
N SER A 57 -4.70 14.53 4.04
CA SER A 57 -4.15 15.84 4.42
C SER A 57 -2.87 16.12 3.66
N GLY A 58 -2.78 17.32 3.09
CA GLY A 58 -1.65 17.68 2.24
C GLY A 58 -1.87 17.44 0.77
N VAL A 59 -2.98 16.82 0.38
CA VAL A 59 -3.31 16.58 -1.01
C VAL A 59 -4.19 17.71 -1.50
N PRO A 60 -3.82 18.42 -2.57
CA PRO A 60 -4.64 19.54 -3.04
C PRO A 60 -5.89 19.07 -3.75
N SER A 61 -6.86 19.98 -3.84
CA SER A 61 -8.14 19.70 -4.49
C SER A 61 -8.04 19.52 -6.00
N ARG A 62 -6.83 19.61 -6.58
CA ARG A 62 -6.65 19.24 -7.98
C ARG A 62 -6.94 17.77 -8.21
N PHE A 63 -6.89 16.94 -7.16
CA PHE A 63 -7.19 15.52 -7.25
C PHE A 63 -8.66 15.30 -6.88
N ILE A 64 -9.41 14.68 -7.79
CA ILE A 64 -10.82 14.38 -7.57
C ILE A 64 -11.01 12.87 -7.73
N GLY A 65 -11.45 12.22 -6.66
CA GLY A 65 -11.79 10.81 -6.69
C GLY A 65 -13.28 10.64 -6.82
N SER A 66 -13.69 9.67 -7.64
CA SER A 66 -15.11 9.47 -7.91
C SER A 66 -15.34 8.02 -8.31
N GLY A 67 -16.62 7.65 -8.39
CA GLY A 67 -17.02 6.33 -8.79
C GLY A 67 -17.96 5.70 -7.78
N SER A 68 -18.45 4.52 -8.13
CA SER A 68 -19.34 3.74 -7.29
C SER A 68 -19.42 2.33 -7.88
N GLY A 69 -20.03 1.42 -7.12
CA GLY A 69 -20.15 0.05 -7.56
C GLY A 69 -18.81 -0.60 -7.83
N THR A 70 -18.50 -0.83 -9.11
CA THR A 70 -17.25 -1.45 -9.51
C THR A 70 -16.33 -0.52 -10.30
N ASP A 71 -16.81 0.64 -10.73
CA ASP A 71 -16.05 1.54 -11.58
C ASP A 71 -15.68 2.79 -10.80
N TYR A 72 -14.38 3.07 -10.71
CA TYR A 72 -13.88 4.21 -9.96
C TYR A 72 -12.83 4.94 -10.80
N SER A 73 -12.57 6.19 -10.44
CA SER A 73 -11.68 7.01 -11.24
C SER A 73 -11.01 8.07 -10.39
N LEU A 74 -9.80 8.46 -10.82
CA LEU A 74 -9.05 9.55 -10.20
C LEU A 74 -8.78 10.58 -11.28
N THR A 75 -9.31 11.78 -11.10
CA THR A 75 -9.17 12.87 -12.07
C THR A 75 -8.22 13.92 -11.51
N ILE A 76 -7.14 14.19 -12.23
CA ILE A 76 -6.15 15.19 -11.85
C ILE A 76 -6.21 16.33 -12.85
N SER A 77 -6.60 17.51 -12.38
CA SER A 77 -6.66 18.69 -13.23
C SER A 77 -5.40 19.54 -13.06
N ASN A 78 -5.10 20.32 -14.10
CA ASN A 78 -3.95 21.21 -14.12
C ASN A 78 -2.68 20.47 -13.71
N LEU A 79 -2.35 19.44 -14.50
CA LEU A 79 -1.26 18.54 -14.18
C LEU A 79 0.04 19.30 -13.94
N ASP A 80 0.71 18.99 -12.84
CA ASP A 80 1.92 19.67 -12.41
C ASP A 80 3.07 18.68 -12.40
N GLN A 81 4.29 19.22 -12.39
CA GLN A 81 5.49 18.38 -12.35
C GLN A 81 5.46 17.43 -11.15
N GLU A 82 4.92 17.87 -10.03
CA GLU A 82 4.85 17.03 -8.84
C GLU A 82 3.86 15.88 -8.97
N ASP A 83 3.02 15.88 -10.01
CA ASP A 83 2.06 14.81 -10.23
C ASP A 83 2.62 13.65 -11.04
N ILE A 84 3.81 13.81 -11.64
CA ILE A 84 4.43 12.73 -12.40
C ILE A 84 4.79 11.63 -11.41
N ALA A 85 4.01 10.57 -11.39
CA ALA A 85 4.13 9.50 -10.40
C ALA A 85 3.30 8.32 -10.88
N THR A 86 3.27 7.27 -10.07
CA THR A 86 2.43 6.10 -10.30
C THR A 86 1.31 6.07 -9.27
N TYR A 87 0.09 5.82 -9.74
CA TYR A 87 -1.09 5.86 -8.89
C TYR A 87 -1.70 4.47 -8.79
N PHE A 88 -1.94 4.02 -7.57
CA PHE A 88 -2.50 2.70 -7.29
C PHE A 88 -3.84 2.85 -6.60
N CYS A 89 -4.82 2.06 -7.01
CA CYS A 89 -6.07 1.95 -6.29
C CYS A 89 -6.06 0.69 -5.43
N GLN A 90 -6.91 0.67 -4.41
CA GLN A 90 -6.91 -0.41 -3.43
C GLN A 90 -8.28 -0.50 -2.80
N GLN A 91 -8.86 -1.70 -2.83
CA GLN A 91 -10.13 -1.93 -2.14
C GLN A 91 -9.86 -2.33 -0.70
N GLY A 92 -10.64 -1.76 0.23
CA GLY A 92 -10.55 -2.11 1.62
C GLY A 92 -11.86 -2.68 2.12
N TYR A 93 -12.63 -3.27 1.21
CA TYR A 93 -13.95 -3.78 1.55
C TYR A 93 -13.87 -5.15 2.21
N THR A 94 -12.99 -6.02 1.74
CA THR A 94 -12.86 -7.35 2.31
C THR A 94 -11.42 -7.82 2.19
N LEU A 95 -11.08 -8.80 3.04
CA LEU A 95 -9.75 -9.39 3.00
C LEU A 95 -9.71 -10.50 1.94
N PRO A 96 -8.58 -10.67 1.24
CA PRO A 96 -7.38 -9.84 1.39
C PRO A 96 -7.51 -8.47 0.74
N LEU A 97 -6.89 -7.46 1.35
CA LEU A 97 -6.76 -6.16 0.69
C LEU A 97 -5.98 -6.33 -0.60
N THR A 98 -6.50 -5.74 -1.67
CA THR A 98 -5.92 -5.94 -2.99
C THR A 98 -5.72 -4.61 -3.69
N PHE A 99 -4.65 -4.51 -4.47
CA PHE A 99 -4.27 -3.29 -5.16
C PHE A 99 -4.40 -3.47 -6.66
N GLY A 100 -4.65 -2.37 -7.36
CA GLY A 100 -4.45 -2.34 -8.79
C GLY A 100 -2.97 -2.34 -9.13
N ALA A 101 -2.68 -2.62 -10.40
CA ALA A 101 -1.29 -2.74 -10.85
C ALA A 101 -0.61 -1.39 -11.08
N GLY A 102 -1.33 -0.29 -10.92
CA GLY A 102 -0.73 1.02 -11.04
C GLY A 102 -0.80 1.64 -12.42
N THR A 103 -0.99 2.96 -12.48
CA THR A 103 -0.99 3.70 -13.73
C THR A 103 -0.03 4.87 -13.60
N LYS A 104 1.00 4.89 -14.44
CA LYS A 104 1.95 6.00 -14.43
C LYS A 104 1.37 7.20 -15.16
N LEU A 105 1.84 8.38 -14.77
CA LEU A 105 1.59 9.61 -15.51
C LEU A 105 2.92 10.11 -16.06
N GLU A 106 2.98 10.34 -17.37
CA GLU A 106 4.20 10.77 -18.03
C GLU A 106 3.94 12.02 -18.85
N LEU A 107 4.95 12.88 -18.93
CA LEU A 107 4.87 14.09 -19.73
C LEU A 107 5.24 13.78 -21.17
N LYS A 108 4.57 14.44 -22.10
CA LYS A 108 4.83 14.26 -23.52
C LYS A 108 6.21 14.80 -23.89
N GLU A 128 5.13 14.54 10.24
CA GLU A 128 5.49 14.20 11.62
C GLU A 128 5.61 12.70 11.81
N VAL A 129 4.63 11.96 11.29
CA VAL A 129 4.62 10.50 11.44
C VAL A 129 5.83 9.92 10.73
N LYS A 130 6.58 9.08 11.44
CA LYS A 130 7.82 8.51 10.93
C LYS A 130 7.74 6.99 10.96
N LEU A 131 8.14 6.35 9.86
CA LEU A 131 8.19 4.90 9.77
C LEU A 131 9.48 4.53 9.06
N VAL A 132 10.32 3.74 9.72
CA VAL A 132 11.66 3.41 9.23
C VAL A 132 11.84 1.89 9.35
N GLU A 133 11.98 1.21 8.20
CA GLU A 133 12.13 -0.23 8.17
C GLU A 133 13.60 -0.64 8.14
N SER A 134 13.86 -1.85 8.63
CA SER A 134 15.19 -2.44 8.58
C SER A 134 15.05 -3.95 8.69
N GLY A 135 16.16 -4.65 8.49
CA GLY A 135 16.19 -6.09 8.62
C GLY A 135 16.16 -6.85 7.30
N GLY A 136 15.97 -6.17 6.18
CA GLY A 136 16.00 -6.84 4.90
C GLY A 136 17.39 -7.30 4.54
N GLY A 137 17.45 -8.15 3.53
CA GLY A 137 18.73 -8.68 3.09
C GLY A 137 18.55 -9.75 2.03
N LEU A 138 19.64 -10.48 1.78
CA LEU A 138 19.68 -11.52 0.77
C LEU A 138 19.74 -12.87 1.44
N VAL A 139 18.88 -13.79 1.01
CA VAL A 139 18.83 -15.15 1.51
C VAL A 139 18.53 -16.09 0.35
N LYS A 140 18.86 -17.34 0.54
CA LYS A 140 18.50 -18.37 -0.41
C LYS A 140 17.13 -18.92 -0.06
N PRO A 141 16.47 -19.61 -1.00
CA PRO A 141 15.19 -20.25 -0.67
C PRO A 141 15.31 -21.13 0.56
N GLY A 142 14.29 -21.06 1.42
CA GLY A 142 14.32 -21.71 2.71
C GLY A 142 14.93 -20.89 3.81
N GLY A 143 15.53 -19.74 3.50
CA GLY A 143 16.13 -18.88 4.50
C GLY A 143 15.10 -18.11 5.30
N SER A 144 15.60 -17.29 6.22
CA SER A 144 14.75 -16.56 7.14
C SER A 144 15.33 -15.17 7.40
N LEU A 145 14.43 -14.21 7.65
CA LEU A 145 14.79 -12.87 8.04
C LEU A 145 13.77 -12.35 9.04
N LYS A 146 14.11 -11.26 9.71
CA LYS A 146 13.19 -10.57 10.61
C LYS A 146 13.26 -9.08 10.29
N LEU A 147 12.14 -8.52 9.83
CA LEU A 147 12.06 -7.11 9.51
C LEU A 147 11.57 -6.33 10.72
N SER A 148 12.10 -5.13 10.89
CA SER A 148 11.70 -4.22 11.95
C SER A 148 11.14 -2.94 11.35
N CYS A 149 10.21 -2.32 12.07
CA CYS A 149 9.64 -1.03 11.67
C CYS A 149 9.55 -0.15 12.91
N ALA A 150 10.39 0.86 12.98
CA ALA A 150 10.44 1.77 14.12
C ALA A 150 9.50 2.95 13.85
N ALA A 151 8.49 3.10 14.70
CA ALA A 151 7.49 4.15 14.55
C ALA A 151 7.72 5.26 15.55
N SER A 152 7.36 6.48 15.15
CA SER A 152 7.45 7.65 16.02
C SER A 152 6.56 8.74 15.44
N GLY A 153 6.28 9.74 16.27
CA GLY A 153 5.43 10.84 15.85
C GLY A 153 3.95 10.61 16.04
N PHE A 154 3.56 9.51 16.68
CA PHE A 154 2.15 9.22 16.94
C PHE A 154 2.06 8.16 18.01
N THR A 155 0.85 7.96 18.52
CA THR A 155 0.58 6.93 19.54
C THR A 155 0.53 5.58 18.84
N PHE A 156 1.69 4.93 18.76
CA PHE A 156 1.81 3.67 18.02
C PHE A 156 0.83 2.62 18.54
N SER A 157 0.55 2.61 19.84
CA SER A 157 -0.20 1.53 20.44
C SER A 157 -1.69 1.54 20.08
N THR A 158 -2.22 2.68 19.64
CA THR A 158 -3.64 2.78 19.32
C THR A 158 -3.96 2.58 17.85
N TYR A 159 -2.95 2.33 17.02
CA TYR A 159 -3.13 2.24 15.58
C TYR A 159 -2.89 0.82 15.08
N GLY A 160 -3.72 0.38 14.15
CA GLY A 160 -3.39 -0.81 13.39
C GLY A 160 -2.22 -0.55 12.46
N MET A 161 -1.45 -1.60 12.20
CA MET A 161 -0.27 -1.52 11.35
C MET A 161 -0.28 -2.67 10.37
N SER A 162 0.33 -2.45 9.20
CA SER A 162 0.37 -3.45 8.15
C SER A 162 1.76 -3.54 7.55
N TRP A 163 2.02 -4.66 6.90
CA TRP A 163 3.15 -4.83 6.01
C TRP A 163 2.64 -4.96 4.58
N VAL A 164 3.19 -4.17 3.67
CA VAL A 164 2.83 -4.22 2.26
C VAL A 164 4.12 -4.30 1.46
N ARG A 165 4.18 -5.24 0.52
CA ARG A 165 5.39 -5.44 -0.28
C ARG A 165 5.15 -5.02 -1.73
N GLN A 166 6.21 -4.53 -2.36
CA GLN A 166 6.19 -4.19 -3.78
C GLN A 166 7.18 -5.10 -4.51
N THR A 167 6.66 -5.91 -5.42
CA THR A 167 7.45 -6.89 -6.14
C THR A 167 8.37 -6.18 -7.14
N PRO A 168 9.37 -6.89 -7.68
CA PRO A 168 10.18 -6.31 -8.75
C PRO A 168 9.37 -5.88 -9.97
N GLU A 169 8.17 -6.43 -10.15
CA GLU A 169 7.27 -6.02 -11.22
C GLU A 169 6.43 -4.80 -10.83
N LYS A 170 6.72 -4.18 -9.69
CA LYS A 170 6.09 -2.96 -9.19
C LYS A 170 4.67 -3.19 -8.68
N ARG A 171 4.27 -4.43 -8.43
CA ARG A 171 2.94 -4.71 -7.89
C ARG A 171 2.95 -4.58 -6.37
N LEU A 172 1.89 -3.98 -5.83
CA LEU A 172 1.71 -3.86 -4.39
C LEU A 172 0.86 -5.01 -3.88
N GLU A 173 1.37 -5.72 -2.88
CA GLU A 173 0.70 -6.89 -2.32
C GLU A 173 0.63 -6.74 -0.81
N TRP A 174 -0.59 -6.73 -0.28
CA TRP A 174 -0.77 -6.72 1.17
C TRP A 174 -0.28 -8.02 1.76
N VAL A 175 0.50 -7.94 2.82
CA VAL A 175 1.11 -9.12 3.43
C VAL A 175 0.37 -9.48 4.71
N ALA A 176 0.30 -8.53 5.64
CA ALA A 176 -0.30 -8.81 6.94
C ALA A 176 -0.71 -7.50 7.61
N SER A 177 -1.65 -7.61 8.53
CA SER A 177 -2.06 -6.50 9.37
C SER A 177 -2.13 -6.97 10.82
N ILE A 178 -2.04 -6.02 11.74
CA ILE A 178 -2.14 -6.30 13.17
C ILE A 178 -2.88 -5.15 13.84
N SER A 179 -3.87 -5.49 14.65
CA SER A 179 -4.60 -4.47 15.39
C SER A 179 -3.74 -3.91 16.52
N GLY A 180 -4.20 -2.81 17.11
CA GLY A 180 -3.51 -2.27 18.27
C GLY A 180 -3.41 -3.27 19.40
N GLY A 181 -4.45 -4.07 19.60
CA GLY A 181 -4.45 -5.09 20.64
C GLY A 181 -3.68 -6.35 20.33
N GLY A 182 -3.33 -6.58 19.05
CA GLY A 182 -2.51 -7.71 18.68
C GLY A 182 -3.17 -8.78 17.83
N ASP A 183 -4.41 -8.56 17.37
CA ASP A 183 -5.02 -9.50 16.45
C ASP A 183 -4.29 -9.45 15.10
N THR A 184 -4.10 -10.61 14.48
CA THR A 184 -3.31 -10.70 13.27
C THR A 184 -4.13 -11.23 12.11
N TYR A 185 -3.84 -10.71 10.91
CA TYR A 185 -4.49 -11.10 9.67
C TYR A 185 -3.41 -11.18 8.60
N TYR A 186 -3.48 -12.22 7.77
CA TYR A 186 -2.48 -12.45 6.73
C TYR A 186 -3.16 -12.71 5.39
N THR A 187 -2.45 -12.39 4.31
CA THR A 187 -2.85 -12.86 3.01
C THR A 187 -2.51 -14.34 2.88
N ASP A 188 -3.30 -15.06 2.07
CA ASP A 188 -3.25 -16.51 2.09
C ASP A 188 -1.86 -17.05 1.75
N ILE A 189 -1.18 -16.46 0.77
CA ILE A 189 0.06 -17.03 0.26
C ILE A 189 1.24 -16.89 1.22
N VAL A 190 1.10 -16.12 2.29
CA VAL A 190 2.15 -16.00 3.29
C VAL A 190 1.77 -16.66 4.62
N LYS A 191 0.53 -17.13 4.76
CA LYS A 191 0.10 -17.73 6.01
C LYS A 191 0.98 -18.92 6.39
N GLY A 192 1.43 -18.94 7.64
CA GLY A 192 2.32 -19.98 8.11
C GLY A 192 3.77 -19.80 7.75
N ARG A 193 4.11 -18.77 6.97
CA ARG A 193 5.50 -18.49 6.61
C ARG A 193 6.00 -17.15 7.11
N VAL A 194 5.11 -16.24 7.52
CA VAL A 194 5.49 -14.97 8.14
C VAL A 194 4.66 -14.80 9.40
N THR A 195 5.16 -13.96 10.30
CA THR A 195 4.46 -13.64 11.55
C THR A 195 4.60 -12.16 11.82
N ILE A 196 3.47 -11.46 11.88
CA ILE A 196 3.46 -10.05 12.24
C ILE A 196 3.27 -9.92 13.74
N SER A 197 4.00 -8.99 14.36
CA SER A 197 3.92 -8.76 15.79
C SER A 197 4.33 -7.33 16.07
N ARG A 198 4.07 -6.89 17.30
CA ARG A 198 4.34 -5.51 17.68
C ARG A 198 4.79 -5.45 19.13
N ASP A 199 5.66 -4.48 19.41
CA ASP A 199 6.08 -4.12 20.76
C ASP A 199 5.58 -2.70 21.00
N ASN A 200 4.51 -2.56 21.77
CA ASN A 200 3.89 -1.25 21.96
C ASN A 200 4.65 -0.36 22.91
N ASP A 201 5.58 -0.92 23.70
CA ASP A 201 6.39 -0.09 24.59
C ASP A 201 7.54 0.57 23.83
N ARG A 202 8.20 -0.16 22.95
CA ARG A 202 9.30 0.36 22.14
C ARG A 202 8.84 0.89 20.79
N ASN A 203 7.55 0.76 20.48
CA ASN A 203 6.97 1.26 19.23
C ASN A 203 7.67 0.69 18.01
N ILE A 204 7.71 -0.64 17.95
CA ILE A 204 8.33 -1.35 16.84
C ILE A 204 7.31 -2.34 16.27
N LEU A 205 7.25 -2.41 14.95
CA LEU A 205 6.48 -3.42 14.24
C LEU A 205 7.45 -4.44 13.64
N TYR A 206 7.09 -5.71 13.74
CA TYR A 206 7.97 -6.80 13.31
C TYR A 206 7.29 -7.65 12.25
N LEU A 207 8.13 -8.32 11.46
CA LEU A 207 7.68 -9.35 10.51
C LEU A 207 8.78 -10.40 10.44
N GLN A 208 8.59 -11.52 11.13
CA GLN A 208 9.53 -12.63 11.06
C GLN A 208 9.15 -13.52 9.89
N MET A 209 10.09 -13.68 8.95
CA MET A 209 9.86 -14.46 7.74
C MET A 209 10.66 -15.75 7.79
N SER A 210 10.04 -16.84 7.36
CA SER A 210 10.69 -18.15 7.34
C SER A 210 10.36 -18.86 6.04
N SER A 211 11.19 -19.84 5.70
CA SER A 211 11.00 -20.67 4.51
C SER A 211 10.75 -19.83 3.27
N LEU A 212 11.60 -18.81 3.11
CA LEU A 212 11.37 -17.81 2.07
C LEU A 212 11.49 -18.43 0.68
N ARG A 213 10.62 -18.00 -0.23
CA ARG A 213 10.62 -18.43 -1.61
C ARG A 213 11.06 -17.29 -2.51
N SER A 214 11.43 -17.63 -3.74
CA SER A 214 11.90 -16.61 -4.69
C SER A 214 10.85 -15.53 -4.91
N GLU A 215 9.57 -15.92 -4.91
CA GLU A 215 8.50 -14.95 -5.15
C GLU A 215 8.27 -14.02 -3.97
N ASP A 216 8.92 -14.25 -2.83
CA ASP A 216 8.87 -13.31 -1.71
C ASP A 216 9.82 -12.13 -1.90
N THR A 217 10.63 -12.14 -2.95
CA THR A 217 11.51 -11.01 -3.24
C THR A 217 10.68 -9.77 -3.50
N ALA A 218 10.91 -8.72 -2.70
CA ALA A 218 10.16 -7.48 -2.82
C ALA A 218 10.72 -6.46 -1.84
N MET A 219 10.34 -5.20 -2.05
CA MET A 219 10.54 -4.17 -1.05
C MET A 219 9.37 -4.21 -0.07
N TYR A 220 9.68 -4.29 1.23
CA TYR A 220 8.67 -4.48 2.25
C TYR A 220 8.47 -3.18 3.02
N HIS A 221 7.26 -2.64 2.94
CA HIS A 221 6.89 -1.40 3.62
C HIS A 221 6.01 -1.71 4.82
N CYS A 222 6.24 -1.00 5.92
CA CYS A 222 5.30 -0.97 7.02
C CYS A 222 4.43 0.26 6.89
N THR A 223 3.13 0.10 7.12
CA THR A 223 2.16 1.17 6.93
C THR A 223 1.30 1.29 8.17
N ARG A 224 0.82 2.52 8.42
CA ARG A 224 -0.08 2.79 9.53
C ARG A 224 -1.52 2.73 9.03
N GLY A 225 -2.36 2.03 9.77
CA GLY A 225 -3.76 1.92 9.43
C GLY A 225 -4.62 2.94 10.16
N ALA A 226 -5.21 3.87 9.41
CA ALA A 226 -6.15 4.82 9.98
C ALA A 226 -7.57 4.31 9.79
N LEU A 227 -8.34 4.30 10.88
CA LEU A 227 -9.73 3.87 10.81
C LEU A 227 -10.55 4.87 10.00
N VAL A 228 -11.24 4.37 8.97
CA VAL A 228 -12.14 5.19 8.15
C VAL A 228 -13.59 4.96 8.55
N ARG A 229 -14.05 3.71 8.50
CA ARG A 229 -15.42 3.38 8.84
C ARG A 229 -15.47 2.04 9.54
N LEU A 230 -16.30 1.96 10.58
CA LEU A 230 -16.45 0.72 11.32
C LEU A 230 -17.11 -0.35 10.45
N PRO A 231 -16.76 -1.64 10.65
CA PRO A 231 -15.81 -2.10 11.66
C PRO A 231 -14.37 -2.28 11.15
N HIS A 232 -14.17 -2.52 9.85
CA HIS A 232 -12.88 -2.98 9.36
C HIS A 232 -12.37 -2.21 8.15
N TYR A 233 -12.86 -1.00 7.89
CA TYR A 233 -12.41 -0.24 6.74
C TYR A 233 -11.30 0.72 7.18
N TYR A 234 -10.09 0.50 6.67
CA TYR A 234 -8.94 1.32 6.99
C TYR A 234 -8.30 1.86 5.72
N SER A 235 -7.64 3.00 5.85
CA SER A 235 -6.67 3.46 4.87
C SER A 235 -5.27 3.29 5.43
N MET A 236 -4.29 3.25 4.54
CA MET A 236 -2.88 3.19 4.93
C MET A 236 -2.31 4.59 4.74
N ASP A 237 -2.46 5.43 5.76
CA ASP A 237 -2.23 6.87 5.59
C ASP A 237 -0.75 7.26 5.66
N TYR A 238 0.14 6.38 6.10
CA TYR A 238 1.56 6.70 6.12
C TYR A 238 2.38 5.45 5.83
N TRP A 239 3.42 5.62 5.03
CA TRP A 239 4.24 4.52 4.53
C TRP A 239 5.71 4.80 4.83
N GLY A 240 6.42 3.77 5.24
CA GLY A 240 7.85 3.87 5.36
C GLY A 240 8.54 3.70 4.03
N GLN A 241 9.84 4.03 4.00
CA GLN A 241 10.60 3.92 2.76
C GLN A 241 10.78 2.48 2.31
N GLY A 242 10.71 1.52 3.22
CA GLY A 242 10.78 0.12 2.86
C GLY A 242 12.17 -0.46 3.05
N THR A 243 12.22 -1.78 3.22
CA THR A 243 13.47 -2.52 3.32
C THR A 243 13.40 -3.70 2.36
N SER A 244 14.51 -3.97 1.68
CA SER A 244 14.51 -4.86 0.53
C SER A 244 14.81 -6.29 0.96
N VAL A 245 14.03 -7.24 0.44
CA VAL A 245 14.24 -8.67 0.65
C VAL A 245 14.49 -9.31 -0.70
N THR A 246 15.59 -10.05 -0.81
CA THR A 246 15.95 -10.74 -2.05
C THR A 246 16.16 -12.22 -1.74
N VAL A 247 15.35 -13.07 -2.37
CA VAL A 247 15.45 -14.52 -2.20
C VAL A 247 15.83 -15.09 -3.55
N SER A 248 17.06 -15.61 -3.65
CA SER A 248 17.56 -16.19 -4.89
C SER A 248 18.44 -17.39 -4.58
N SER A 249 18.43 -18.36 -5.50
CA SER A 249 19.29 -19.53 -5.37
C SER A 249 20.74 -19.23 -5.73
N LEU A 250 21.03 -18.06 -6.27
CA LEU A 250 22.41 -17.67 -6.57
C LEU A 250 22.98 -16.94 -5.37
#